data_2E2B
#
_entry.id   2E2B
#
_cell.length_a   110.82
_cell.length_b   147.58
_cell.length_c   152.49
_cell.angle_alpha   90
_cell.angle_beta   90
_cell.angle_gamma   90
#
_symmetry.space_group_name_H-M   'F 2 2 2'
#
loop_
_entity.id
_entity.type
_entity.pdbx_description
1 polymer 'Proto-oncogene tyrosine-protein kinase ABL1'
2 non-polymer "N-[3-(4,5'-BIPYRIMIDIN-2-YLAMINO)-4-METHYLPHENYL]-4-{[(3S)-3-(DIMETHYLAMINO)PYRROLIDIN-1-YL]METHYL}-3-(TRIFLUOROMETHYL) BENZAMIDE"
3 water water
#
_entity_poly.entity_id   1
_entity_poly.type   'polypeptide(L)'
_entity_poly.pdbx_seq_one_letter_code
;GAMDPSSPNYDKWEMERTDITMKHKLGGGQYGEVYEGVWKKYSLTVAVKTLKEDTMEVEEFLKEAAVMKEIKHPNLVQLL
GVCTREPPFYIITEFMTYGNLLDYLRECNRQEVNAVVLLYMATQISSAMEYLEKKNFIHRDLAARNCLVGENHLVKVADF
GLSRLMTGDTYTAHAGAKFPIKWTAPESLAYNKFSIKSDVWAFGVLLWEIATYGMSPYPGIDLSQVYELLEKDYRMERPE
GCPEKVYELMRACWQWNPSDRPSFAEIHQAFETMFQESSISDEVEKELGKQGV
;
_entity_poly.pdbx_strand_id   A,B
#
# COMPACT_ATOMS: atom_id res chain seq x y z
N MET A 3 27.47 -42.88 17.99
CA MET A 3 26.74 -44.11 17.68
C MET A 3 27.71 -45.22 17.25
N ASP A 4 27.36 -46.42 17.64
CA ASP A 4 28.16 -47.61 17.35
C ASP A 4 28.11 -47.95 15.87
N PRO A 5 29.25 -47.86 15.14
CA PRO A 5 29.29 -48.16 13.71
C PRO A 5 28.84 -49.58 13.47
N SER A 6 28.95 -50.44 14.46
CA SER A 6 28.51 -51.82 14.32
C SER A 6 27.06 -51.99 14.75
N SER A 7 26.54 -51.04 15.54
CA SER A 7 25.15 -51.12 15.99
C SER A 7 24.16 -51.23 14.82
N PRO A 8 23.10 -52.05 14.98
CA PRO A 8 22.08 -52.24 13.93
C PRO A 8 21.34 -50.95 13.66
N ASN A 9 21.40 -50.03 14.60
CA ASN A 9 20.68 -48.76 14.47
C ASN A 9 21.59 -47.58 14.05
N TYR A 10 22.77 -47.86 13.53
CA TYR A 10 23.73 -46.78 13.23
C TYR A 10 23.18 -45.69 12.28
N ASP A 11 23.26 -44.50 12.73
CA ASP A 11 22.91 -43.29 11.97
C ASP A 11 24.06 -42.32 12.11
N LYS A 12 24.79 -42.15 11.04
CA LYS A 12 25.98 -41.28 11.08
C LYS A 12 25.62 -39.86 11.48
N TRP A 13 24.36 -39.42 11.35
CA TRP A 13 23.97 -38.06 11.72
C TRP A 13 23.77 -37.83 13.22
N GLU A 14 23.52 -38.88 14.01
CA GLU A 14 23.32 -38.71 15.45
C GLU A 14 24.60 -38.23 16.09
N MET A 15 24.49 -37.28 17.00
CA MET A 15 25.69 -36.77 17.65
C MET A 15 25.50 -36.56 19.15
N GLU A 16 26.61 -36.33 19.85
CA GLU A 16 26.58 -36.14 21.30
C GLU A 16 26.03 -34.77 21.70
N ARG A 17 24.86 -34.76 22.29
CA ARG A 17 24.21 -33.54 22.76
C ARG A 17 25.20 -32.71 23.57
N THR A 18 26.05 -33.39 24.31
CA THR A 18 27.06 -32.75 25.16
C THR A 18 28.08 -31.96 24.37
N ASP A 19 28.26 -32.33 23.11
CA ASP A 19 29.23 -31.63 22.25
C ASP A 19 28.73 -30.25 21.84
N ILE A 20 27.48 -29.96 22.14
CA ILE A 20 26.92 -28.65 21.81
C ILE A 20 26.71 -27.78 23.04
N THR A 21 27.09 -26.52 22.92
CA THR A 21 26.93 -25.62 24.03
C THR A 21 25.83 -24.64 23.65
N MET A 22 24.58 -24.98 23.94
CA MET A 22 23.44 -24.14 23.60
C MET A 22 23.53 -22.77 24.24
N LYS A 23 23.16 -21.74 23.50
CA LYS A 23 23.19 -20.37 24.04
C LYS A 23 21.84 -19.68 23.92
N HIS A 24 21.84 -18.42 23.52
CA HIS A 24 20.60 -17.66 23.41
C HIS A 24 19.73 -18.04 22.21
N LYS A 25 18.44 -17.73 22.25
CA LYS A 25 17.61 -18.06 21.09
C LYS A 25 18.16 -17.24 19.92
N LEU A 26 18.01 -17.79 18.73
CA LEU A 26 18.45 -17.15 17.50
C LEU A 26 17.46 -16.06 17.06
N GLY A 27 18.02 -14.96 16.58
CA GLY A 27 17.23 -13.82 16.12
C GLY A 27 16.15 -13.34 17.05
N GLY A 28 16.49 -13.04 18.31
CA GLY A 28 15.49 -12.55 19.24
C GLY A 28 14.27 -13.45 19.36
N GLY A 29 14.35 -14.67 18.85
CA GLY A 29 13.22 -15.58 18.93
C GLY A 29 12.29 -15.52 17.74
N GLN A 30 12.72 -14.87 16.67
CA GLN A 30 11.89 -14.76 15.48
C GLN A 30 11.76 -16.11 14.76
N TYR A 31 12.74 -16.99 14.95
CA TYR A 31 12.75 -18.31 14.32
C TYR A 31 12.13 -19.39 15.18
N GLY A 32 11.58 -19.00 16.33
CA GLY A 32 10.99 -19.99 17.22
C GLY A 32 12.05 -20.69 18.06
N GLU A 33 11.82 -21.97 18.34
CA GLU A 33 12.74 -22.77 19.15
C GLU A 33 14.07 -23.11 18.47
N VAL A 34 14.82 -22.07 18.12
CA VAL A 34 16.11 -22.25 17.49
C VAL A 34 17.07 -21.41 18.31
N TYR A 35 18.19 -22.02 18.71
CA TYR A 35 19.17 -21.34 19.53
C TYR A 35 20.55 -21.29 18.91
N GLU A 36 21.31 -20.29 19.32
CA GLU A 36 22.70 -20.22 18.91
C GLU A 36 23.43 -21.25 19.71
N GLY A 37 24.43 -21.87 19.13
CA GLY A 37 25.18 -22.90 19.85
C GLY A 37 26.59 -23.00 19.35
N VAL A 38 27.41 -23.69 20.11
CA VAL A 38 28.79 -23.87 19.71
C VAL A 38 29.15 -25.34 19.72
N TRP A 39 29.59 -25.83 18.58
CA TRP A 39 30.00 -27.22 18.46
C TRP A 39 31.40 -27.26 19.07
N LYS A 40 31.46 -27.52 20.37
CA LYS A 40 32.71 -27.55 21.15
C LYS A 40 33.94 -28.05 20.41
N LYS A 41 33.90 -29.32 20.01
CA LYS A 41 35.02 -29.94 19.32
C LYS A 41 35.61 -29.13 18.16
N TYR A 42 34.91 -28.10 17.71
CA TYR A 42 35.40 -27.29 16.59
C TYR A 42 35.30 -25.79 16.82
N SER A 43 34.86 -25.39 18.01
CA SER A 43 34.71 -23.98 18.34
C SER A 43 33.89 -23.30 17.23
N LEU A 44 32.89 -24.02 16.73
CA LEU A 44 32.05 -23.54 15.66
C LEU A 44 30.65 -23.12 16.10
N THR A 45 30.23 -21.93 15.66
CA THR A 45 28.90 -21.42 15.99
C THR A 45 27.91 -22.15 15.09
N VAL A 46 26.83 -22.64 15.67
CA VAL A 46 25.86 -23.37 14.89
C VAL A 46 24.46 -22.99 15.36
N ALA A 47 23.46 -23.31 14.54
CA ALA A 47 22.07 -23.05 14.90
C ALA A 47 21.47 -24.40 15.28
N VAL A 48 20.78 -24.44 16.41
CA VAL A 48 20.17 -25.66 16.90
C VAL A 48 18.68 -25.50 17.14
N LYS A 49 17.90 -26.21 16.33
CA LYS A 49 16.46 -26.20 16.45
C LYS A 49 16.10 -27.31 17.40
N THR A 50 15.31 -26.98 18.41
CA THR A 50 14.88 -27.98 19.37
C THR A 50 13.37 -28.09 19.38
N LEU A 51 12.86 -29.05 20.13
CA LEU A 51 11.42 -29.29 20.21
C LEU A 51 10.89 -29.03 21.61
N MET A 56 2.77 -33.00 19.90
CA MET A 56 3.42 -34.19 19.31
C MET A 56 3.94 -33.85 17.91
N GLU A 57 4.58 -32.70 17.82
CA GLU A 57 5.19 -32.25 16.57
C GLU A 57 6.52 -33.00 16.44
N VAL A 58 6.66 -34.04 17.26
CA VAL A 58 7.85 -34.85 17.24
C VAL A 58 7.90 -35.65 15.95
N GLU A 59 6.73 -35.89 15.41
CA GLU A 59 6.57 -36.65 14.18
C GLU A 59 7.04 -35.77 13.02
N GLU A 60 6.47 -34.58 12.95
CA GLU A 60 6.78 -33.63 11.90
C GLU A 60 8.27 -33.30 11.97
N PHE A 61 8.75 -33.15 13.20
CA PHE A 61 10.14 -32.83 13.47
C PHE A 61 11.05 -33.90 12.84
N LEU A 62 10.88 -35.15 13.23
CA LEU A 62 11.69 -36.23 12.68
C LEU A 62 11.58 -36.29 11.16
N LYS A 63 10.40 -36.04 10.62
CA LYS A 63 10.22 -36.04 9.18
C LYS A 63 11.13 -34.99 8.54
N GLU A 64 11.28 -33.85 9.22
CA GLU A 64 12.12 -32.77 8.70
C GLU A 64 13.59 -33.20 8.73
N ALA A 65 13.99 -33.82 9.83
CA ALA A 65 15.35 -34.31 10.01
C ALA A 65 15.70 -35.32 8.91
N ALA A 66 14.77 -36.23 8.66
CA ALA A 66 14.98 -37.25 7.64
C ALA A 66 15.14 -36.61 6.28
N VAL A 67 14.34 -35.59 6.00
CA VAL A 67 14.42 -34.92 4.71
C VAL A 67 15.79 -34.23 4.57
N MET A 68 16.26 -33.58 5.63
CA MET A 68 17.51 -32.87 5.55
C MET A 68 18.74 -33.75 5.35
N LYS A 69 18.63 -35.03 5.72
CA LYS A 69 19.73 -35.98 5.55
C LYS A 69 19.85 -36.38 4.09
N GLU A 70 18.80 -36.12 3.31
CA GLU A 70 18.78 -36.49 1.90
C GLU A 70 19.16 -35.37 0.95
N ILE A 71 19.47 -34.19 1.49
CA ILE A 71 19.82 -33.09 0.60
C ILE A 71 21.15 -32.43 0.91
N LYS A 72 21.90 -32.15 -0.15
CA LYS A 72 23.19 -31.51 -0.01
C LYS A 72 23.45 -30.69 -1.26
N HIS A 73 23.72 -29.42 -1.07
CA HIS A 73 23.96 -28.52 -2.16
C HIS A 73 24.62 -27.29 -1.55
N PRO A 74 25.58 -26.68 -2.26
CA PRO A 74 26.25 -25.49 -1.73
C PRO A 74 25.32 -24.33 -1.37
N ASN A 75 24.11 -24.30 -1.95
CA ASN A 75 23.18 -23.22 -1.64
C ASN A 75 21.90 -23.63 -0.88
N LEU A 76 21.99 -24.72 -0.14
CA LEU A 76 20.89 -25.21 0.70
C LEU A 76 21.48 -25.29 2.09
N VAL A 77 20.78 -24.77 3.10
CA VAL A 77 21.30 -24.78 4.46
C VAL A 77 21.83 -26.18 4.74
N GLN A 78 23.03 -26.24 5.31
CA GLN A 78 23.68 -27.52 5.55
C GLN A 78 23.39 -28.15 6.90
N LEU A 79 22.84 -29.35 6.85
CA LEU A 79 22.56 -30.11 8.07
C LEU A 79 23.92 -30.52 8.60
N LEU A 80 24.13 -30.41 9.90
CA LEU A 80 25.42 -30.82 10.46
C LEU A 80 25.25 -32.06 11.33
N GLY A 81 24.07 -32.23 11.92
CA GLY A 81 23.84 -33.39 12.75
C GLY A 81 22.52 -33.31 13.48
N VAL A 82 22.13 -34.40 14.14
CA VAL A 82 20.89 -34.44 14.88
C VAL A 82 21.05 -35.12 16.24
N CYS A 83 20.17 -34.82 17.14
CA CYS A 83 20.05 -35.42 18.46
C CYS A 83 18.62 -35.85 18.62
N THR A 84 18.31 -36.99 18.02
CA THR A 84 16.95 -37.53 18.07
C THR A 84 16.97 -38.94 18.66
N ARG A 85 17.91 -39.16 19.57
CA ARG A 85 18.04 -40.43 20.26
C ARG A 85 16.95 -40.39 21.32
N GLU A 86 16.99 -39.32 22.12
CA GLU A 86 16.01 -39.10 23.18
C GLU A 86 15.81 -37.59 23.32
N PRO A 87 14.70 -37.17 23.92
CA PRO A 87 14.43 -35.74 24.11
C PRO A 87 15.50 -35.10 24.99
N PRO A 88 15.76 -33.80 24.80
CA PRO A 88 15.11 -32.95 23.81
C PRO A 88 15.70 -33.18 22.43
N PHE A 89 14.85 -33.30 21.42
CA PHE A 89 15.34 -33.52 20.07
C PHE A 89 16.04 -32.29 19.49
N TYR A 90 17.10 -32.53 18.76
CA TYR A 90 17.87 -31.48 18.12
C TYR A 90 18.08 -31.74 16.63
N ILE A 91 18.26 -30.65 15.94
CA ILE A 91 18.59 -30.60 14.53
C ILE A 91 19.60 -29.47 14.43
N ILE A 92 20.81 -29.81 14.09
CA ILE A 92 21.87 -28.81 13.99
C ILE A 92 22.25 -28.53 12.54
N THR A 93 22.35 -27.21 12.27
CA THR A 93 22.81 -26.81 10.94
C THR A 93 23.91 -25.78 11.15
N GLU A 94 24.52 -25.36 10.06
CA GLU A 94 25.56 -24.35 10.08
C GLU A 94 24.89 -23.02 10.46
N PHE A 95 25.70 -22.08 10.89
CA PHE A 95 25.20 -20.76 11.25
C PHE A 95 25.63 -19.82 10.14
N MET A 96 24.70 -19.02 9.61
CA MET A 96 25.03 -18.07 8.55
C MET A 96 25.21 -16.70 9.17
N THR A 97 26.44 -16.19 9.14
CA THR A 97 26.81 -14.91 9.71
C THR A 97 25.83 -13.75 9.63
N TYR A 98 25.28 -13.47 8.43
CA TYR A 98 24.46 -12.24 8.33
C TYR A 98 22.93 -12.45 8.39
N GLY A 99 22.48 -13.60 8.85
CA GLY A 99 21.02 -13.86 9.03
C GLY A 99 20.21 -13.97 7.74
N ASN A 100 18.87 -13.80 7.91
CA ASN A 100 17.95 -14.01 6.82
C ASN A 100 18.08 -12.95 5.71
N LEU A 101 17.85 -13.36 4.45
CA LEU A 101 17.98 -12.46 3.31
C LEU A 101 17.03 -11.26 3.32
N LEU A 102 15.83 -11.43 3.87
CA LEU A 102 14.91 -10.30 3.89
C LEU A 102 15.52 -9.10 4.66
N ASP A 103 15.85 -9.32 5.93
CA ASP A 103 16.44 -8.24 6.71
C ASP A 103 17.78 -7.77 6.14
N TYR A 104 18.55 -8.69 5.59
CA TYR A 104 19.82 -8.30 5.01
C TYR A 104 19.63 -7.26 3.89
N LEU A 105 18.69 -7.52 3.00
CA LEU A 105 18.41 -6.62 1.88
C LEU A 105 17.98 -5.24 2.38
N ARG A 106 17.16 -5.22 3.42
CA ARG A 106 16.68 -3.95 3.99
C ARG A 106 17.74 -3.13 4.72
N GLU A 107 18.73 -3.80 5.29
CA GLU A 107 19.76 -3.13 6.08
C GLU A 107 21.15 -3.05 5.45
N CYS A 108 21.29 -3.47 4.22
CA CYS A 108 22.60 -3.46 3.61
C CYS A 108 23.06 -2.13 3.05
N ASN A 109 24.35 -2.09 2.80
CA ASN A 109 25.03 -1.00 2.11
C ASN A 109 24.70 -1.21 0.67
N ARG A 110 23.81 -0.41 0.14
CA ARG A 110 23.39 -0.60 -1.26
C ARG A 110 24.51 -0.33 -2.25
N GLN A 111 25.60 0.30 -1.86
CA GLN A 111 26.70 0.53 -2.79
C GLN A 111 27.47 -0.79 -2.90
N GLU A 112 27.53 -1.53 -1.80
CA GLU A 112 28.18 -2.83 -1.77
C GLU A 112 27.25 -3.84 -2.45
N VAL A 113 26.02 -3.97 -1.95
CA VAL A 113 25.06 -4.91 -2.55
C VAL A 113 24.46 -4.24 -3.77
N ASN A 114 25.25 -4.15 -4.82
CA ASN A 114 24.82 -3.50 -6.04
C ASN A 114 24.07 -4.46 -6.98
N ALA A 115 23.80 -4.01 -8.20
CA ALA A 115 23.06 -4.81 -9.18
C ALA A 115 23.73 -6.14 -9.53
N VAL A 116 25.06 -6.18 -9.54
CA VAL A 116 25.74 -7.42 -9.86
C VAL A 116 25.52 -8.41 -8.72
N VAL A 117 25.56 -7.92 -7.49
CA VAL A 117 25.35 -8.78 -6.33
C VAL A 117 23.90 -9.32 -6.29
N LEU A 118 22.91 -8.46 -6.58
CA LEU A 118 21.51 -8.90 -6.57
C LEU A 118 21.34 -10.04 -7.56
N LEU A 119 21.96 -9.88 -8.73
CA LEU A 119 21.93 -10.89 -9.75
C LEU A 119 22.62 -12.17 -9.21
N TYR A 120 23.74 -11.99 -8.52
CA TYR A 120 24.47 -13.13 -7.95
C TYR A 120 23.60 -13.90 -6.96
N MET A 121 22.82 -13.19 -6.16
CA MET A 121 21.96 -13.83 -5.16
C MET A 121 20.85 -14.64 -5.80
N ALA A 122 20.26 -14.10 -6.85
CA ALA A 122 19.19 -14.75 -7.58
C ALA A 122 19.72 -16.03 -8.19
N THR A 123 20.93 -15.94 -8.72
CA THR A 123 21.59 -17.05 -9.36
C THR A 123 21.84 -18.21 -8.40
N GLN A 124 22.27 -17.88 -7.18
CA GLN A 124 22.52 -18.90 -6.18
C GLN A 124 21.21 -19.57 -5.76
N ILE A 125 20.17 -18.75 -5.55
CA ILE A 125 18.88 -19.30 -5.15
C ILE A 125 18.29 -20.21 -6.23
N SER A 126 18.40 -19.82 -7.49
CA SER A 126 17.86 -20.67 -8.56
C SER A 126 18.65 -21.99 -8.64
N SER A 127 19.93 -21.96 -8.28
CA SER A 127 20.71 -23.17 -8.33
C SER A 127 20.19 -24.13 -7.27
N ALA A 128 19.91 -23.60 -6.08
CA ALA A 128 19.37 -24.42 -5.00
C ALA A 128 18.02 -25.01 -5.40
N MET A 129 17.21 -24.20 -6.09
CA MET A 129 15.86 -24.64 -6.46
C MET A 129 15.95 -25.65 -7.61
N GLU A 130 16.92 -25.48 -8.51
CA GLU A 130 17.11 -26.42 -9.62
C GLU A 130 17.43 -27.80 -9.02
N TYR A 131 18.27 -27.80 -7.99
CA TYR A 131 18.63 -29.04 -7.31
C TYR A 131 17.40 -29.71 -6.67
N LEU A 132 16.60 -28.94 -5.94
CA LEU A 132 15.40 -29.47 -5.29
C LEU A 132 14.45 -30.01 -6.36
N GLU A 133 14.38 -29.30 -7.47
CA GLU A 133 13.54 -29.69 -8.60
C GLU A 133 13.97 -31.08 -9.04
N LYS A 134 15.28 -31.23 -9.28
CA LYS A 134 15.86 -32.50 -9.70
C LYS A 134 15.51 -33.61 -8.72
N LYS A 135 15.59 -33.32 -7.43
CA LYS A 135 15.30 -34.33 -6.43
C LYS A 135 13.80 -34.51 -6.15
N ASN A 136 12.97 -33.84 -6.95
CA ASN A 136 11.54 -33.94 -6.81
C ASN A 136 11.01 -33.44 -5.46
N PHE A 137 11.75 -32.54 -4.81
CA PHE A 137 11.27 -31.99 -3.54
C PHE A 137 10.51 -30.72 -3.86
N ILE A 138 9.55 -30.38 -3.01
CA ILE A 138 8.75 -29.18 -3.18
C ILE A 138 9.01 -28.34 -1.95
N HIS A 139 9.43 -27.09 -2.14
CA HIS A 139 9.73 -26.23 -1.00
C HIS A 139 8.48 -25.77 -0.24
N ARG A 140 7.53 -25.18 -0.98
CA ARG A 140 6.27 -24.68 -0.41
C ARG A 140 6.29 -23.32 0.27
N ASP A 141 7.44 -22.82 0.66
CA ASP A 141 7.49 -21.51 1.31
C ASP A 141 8.70 -20.68 0.87
N LEU A 142 9.02 -20.72 -0.42
CA LEU A 142 10.15 -19.96 -0.94
C LEU A 142 9.86 -18.46 -0.85
N ALA A 143 10.75 -17.76 -0.13
CA ALA A 143 10.65 -16.32 0.09
C ALA A 143 11.97 -15.83 0.71
N ALA A 144 12.23 -14.53 0.65
CA ALA A 144 13.48 -13.99 1.20
C ALA A 144 13.67 -14.30 2.68
N ARG A 145 12.58 -14.26 3.45
CA ARG A 145 12.66 -14.55 4.88
C ARG A 145 13.17 -15.98 5.13
N ASN A 146 13.06 -16.85 4.12
CA ASN A 146 13.54 -18.23 4.25
C ASN A 146 14.93 -18.50 3.64
N CYS A 147 15.67 -17.43 3.33
CA CYS A 147 17.02 -17.56 2.80
C CYS A 147 18.02 -16.96 3.79
N LEU A 148 19.24 -17.47 3.78
CA LEU A 148 20.32 -17.02 4.67
C LEU A 148 21.45 -16.38 3.87
N VAL A 149 22.17 -15.45 4.49
CA VAL A 149 23.28 -14.82 3.79
C VAL A 149 24.54 -15.04 4.60
N GLY A 150 25.60 -15.43 3.90
CA GLY A 150 26.87 -15.65 4.58
C GLY A 150 27.87 -14.60 4.15
N GLU A 151 29.14 -14.97 4.22
CA GLU A 151 30.24 -14.11 3.85
C GLU A 151 30.35 -14.05 2.32
N ASN A 152 30.80 -12.91 1.80
CA ASN A 152 30.97 -12.78 0.35
C ASN A 152 29.66 -12.98 -0.42
N HIS A 153 28.57 -12.51 0.18
CA HIS A 153 27.24 -12.60 -0.45
C HIS A 153 26.79 -14.00 -0.80
N LEU A 154 27.21 -14.96 0.01
CA LEU A 154 26.82 -16.35 -0.17
C LEU A 154 25.37 -16.43 0.30
N VAL A 155 24.51 -17.04 -0.51
CA VAL A 155 23.11 -17.16 -0.11
C VAL A 155 22.67 -18.60 -0.16
N LYS A 156 21.97 -19.04 0.87
CA LYS A 156 21.47 -20.40 0.89
C LYS A 156 19.97 -20.41 1.19
N VAL A 157 19.25 -21.30 0.52
CA VAL A 157 17.83 -21.46 0.74
C VAL A 157 17.64 -22.36 1.98
N ALA A 158 16.68 -21.98 2.80
CA ALA A 158 16.38 -22.74 4.01
C ALA A 158 14.87 -22.86 4.08
N ASP A 159 14.36 -23.38 5.20
CA ASP A 159 12.92 -23.51 5.44
C ASP A 159 12.76 -23.48 6.95
N PHE A 160 12.35 -22.33 7.48
CA PHE A 160 12.25 -22.19 8.93
C PHE A 160 10.88 -22.50 9.52
N GLY A 161 9.95 -22.98 8.70
CA GLY A 161 8.62 -23.29 9.21
C GLY A 161 8.08 -22.06 9.93
N LEU A 162 8.06 -20.95 9.21
CA LEU A 162 7.61 -19.67 9.75
C LEU A 162 6.10 -19.50 9.86
N SER A 163 5.33 -20.18 9.01
CA SER A 163 3.87 -20.07 9.02
C SER A 163 3.24 -20.15 10.41
N ARG A 164 3.97 -20.66 11.39
CA ARG A 164 3.44 -20.79 12.75
C ARG A 164 4.19 -19.90 13.73
N LEU A 165 5.11 -19.10 13.23
CA LEU A 165 5.90 -18.22 14.08
C LEU A 165 5.61 -16.76 13.74
N THR A 170 2.18 -11.53 6.97
CA THR A 170 2.82 -12.40 5.98
C THR A 170 1.96 -13.64 5.76
N TYR A 171 1.71 -14.40 6.84
CA TYR A 171 0.89 -15.59 6.75
C TYR A 171 -0.51 -15.35 7.33
N THR A 172 -1.53 -15.85 6.64
CA THR A 172 -2.89 -15.69 7.11
C THR A 172 -3.68 -16.99 7.08
N ALA A 173 -4.66 -17.10 7.97
CA ALA A 173 -5.49 -18.29 8.02
C ALA A 173 -5.97 -18.65 6.62
N HIS A 174 -5.84 -19.90 6.22
CA HIS A 174 -6.26 -20.29 4.88
C HIS A 174 -6.20 -21.81 4.75
N ALA A 175 -7.06 -22.39 3.92
CA ALA A 175 -7.08 -23.85 3.74
C ALA A 175 -6.79 -24.59 5.04
N GLY A 176 -7.23 -24.03 6.16
CA GLY A 176 -6.99 -24.66 7.44
C GLY A 176 -5.65 -24.24 8.02
N ALA A 177 -4.61 -24.21 7.20
CA ALA A 177 -3.28 -23.83 7.67
C ALA A 177 -3.05 -22.31 7.60
N LYS A 178 -1.79 -21.87 7.54
CA LYS A 178 -1.51 -20.45 7.39
C LYS A 178 -0.59 -20.33 6.19
N PHE A 179 -1.01 -19.58 5.17
CA PHE A 179 -0.18 -19.40 3.98
C PHE A 179 0.16 -17.96 3.66
N PRO A 180 1.37 -17.75 3.11
CA PRO A 180 1.82 -16.41 2.75
C PRO A 180 1.15 -16.13 1.39
N ILE A 181 -0.06 -15.59 1.49
CA ILE A 181 -0.89 -15.31 0.32
C ILE A 181 -0.20 -14.62 -0.83
N LYS A 182 0.62 -13.61 -0.54
CA LYS A 182 1.30 -12.89 -1.61
C LYS A 182 2.44 -13.63 -2.34
N TRP A 183 2.85 -14.79 -1.82
CA TRP A 183 3.90 -15.61 -2.43
C TRP A 183 3.28 -16.92 -2.97
N THR A 184 1.97 -17.07 -2.81
CA THR A 184 1.28 -18.30 -3.24
C THR A 184 0.65 -18.30 -4.64
N ALA A 185 0.97 -19.34 -5.42
CA ALA A 185 0.45 -19.48 -6.79
C ALA A 185 -1.08 -19.62 -6.77
N PRO A 186 -1.75 -19.13 -7.82
CA PRO A 186 -3.22 -19.20 -7.92
C PRO A 186 -3.77 -20.59 -7.62
N GLU A 187 -3.27 -21.57 -8.36
CA GLU A 187 -3.70 -22.96 -8.22
C GLU A 187 -3.52 -23.45 -6.80
N SER A 188 -2.58 -22.86 -6.07
CA SER A 188 -2.33 -23.26 -4.68
C SER A 188 -3.36 -22.60 -3.77
N LEU A 189 -3.74 -21.38 -4.12
CA LEU A 189 -4.74 -20.66 -3.34
C LEU A 189 -6.12 -21.28 -3.59
N ALA A 190 -6.40 -21.62 -4.84
CA ALA A 190 -7.68 -22.18 -5.22
C ALA A 190 -7.88 -23.65 -4.89
N TYR A 191 -6.97 -24.52 -5.35
CA TYR A 191 -7.14 -25.94 -5.14
C TYR A 191 -6.16 -26.60 -4.17
N ASN A 192 -5.38 -25.81 -3.44
CA ASN A 192 -4.39 -26.36 -2.52
C ASN A 192 -3.44 -27.30 -3.26
N LYS A 193 -3.19 -27.01 -4.52
CA LYS A 193 -2.29 -27.83 -5.31
C LYS A 193 -0.87 -27.27 -5.26
N PHE A 194 0.02 -27.97 -4.56
CA PHE A 194 1.40 -27.51 -4.49
C PHE A 194 2.33 -28.32 -5.36
N SER A 195 3.21 -27.65 -6.09
CA SER A 195 4.15 -28.33 -6.95
C SER A 195 5.39 -27.49 -7.13
N ILE A 196 6.37 -28.03 -7.84
CA ILE A 196 7.60 -27.29 -8.07
C ILE A 196 7.23 -26.05 -8.90
N LYS A 197 6.12 -26.10 -9.63
CA LYS A 197 5.69 -24.95 -10.43
C LYS A 197 5.15 -23.83 -9.52
N SER A 198 4.59 -24.19 -8.37
CA SER A 198 4.12 -23.16 -7.46
C SER A 198 5.38 -22.58 -6.76
N ASP A 199 6.46 -23.37 -6.66
CA ASP A 199 7.72 -22.85 -6.09
C ASP A 199 8.26 -21.83 -7.11
N VAL A 200 8.09 -22.13 -8.39
CA VAL A 200 8.57 -21.26 -9.45
C VAL A 200 7.85 -19.92 -9.40
N TRP A 201 6.58 -19.94 -9.01
CA TRP A 201 5.80 -18.71 -8.87
C TRP A 201 6.34 -17.93 -7.67
N ALA A 202 6.63 -18.65 -6.59
CA ALA A 202 7.15 -18.00 -5.37
C ALA A 202 8.54 -17.39 -5.60
N PHE A 203 9.33 -18.03 -6.47
CA PHE A 203 10.67 -17.54 -6.79
C PHE A 203 10.55 -16.19 -7.50
N GLY A 204 9.55 -16.06 -8.35
CA GLY A 204 9.33 -14.81 -9.05
C GLY A 204 9.09 -13.69 -8.05
N VAL A 205 8.25 -13.96 -7.05
CA VAL A 205 7.97 -12.96 -6.05
C VAL A 205 9.28 -12.64 -5.34
N LEU A 206 10.07 -13.68 -5.05
CA LEU A 206 11.36 -13.52 -4.38
C LEU A 206 12.28 -12.61 -5.22
N LEU A 207 12.26 -12.75 -6.54
CA LEU A 207 13.06 -11.90 -7.43
C LEU A 207 12.63 -10.44 -7.22
N TRP A 208 11.32 -10.24 -7.08
CA TRP A 208 10.79 -8.90 -6.84
C TRP A 208 11.30 -8.39 -5.48
N GLU A 209 11.34 -9.23 -4.46
CA GLU A 209 11.83 -8.80 -3.13
C GLU A 209 13.30 -8.36 -3.21
N ILE A 210 14.07 -9.10 -3.99
CA ILE A 210 15.47 -8.79 -4.13
C ILE A 210 15.65 -7.48 -4.88
N ALA A 211 14.97 -7.35 -6.01
CA ALA A 211 15.05 -6.16 -6.84
C ALA A 211 14.68 -4.88 -6.10
N THR A 212 13.86 -5.00 -5.05
CA THR A 212 13.42 -3.83 -4.29
C THR A 212 14.11 -3.72 -2.92
N TYR A 213 15.15 -4.48 -2.72
CA TYR A 213 15.88 -4.49 -1.46
C TYR A 213 14.96 -4.84 -0.27
N GLY A 214 14.01 -5.73 -0.50
CA GLY A 214 13.20 -6.27 0.61
C GLY A 214 11.86 -5.53 0.85
N MET A 215 11.21 -5.02 -0.17
CA MET A 215 9.88 -4.39 0.03
C MET A 215 8.82 -5.50 0.13
N SER A 216 7.68 -5.26 0.78
CA SER A 216 6.63 -6.28 0.85
C SER A 216 5.90 -6.30 -0.50
N PRO A 217 5.54 -7.49 -0.98
CA PRO A 217 4.86 -7.65 -2.28
C PRO A 217 3.46 -6.98 -2.34
N TYR A 218 3.03 -6.60 -3.56
CA TYR A 218 1.75 -5.96 -3.77
C TYR A 218 1.51 -4.96 -2.65
N PRO A 219 2.36 -3.94 -2.57
CA PRO A 219 2.20 -2.95 -1.50
C PRO A 219 0.83 -2.29 -1.46
N GLY A 220 0.26 -2.23 -0.25
CA GLY A 220 -1.02 -1.60 -0.08
C GLY A 220 -2.25 -2.40 -0.50
N ILE A 221 -2.05 -3.41 -1.33
CA ILE A 221 -3.16 -4.24 -1.81
C ILE A 221 -3.60 -5.26 -0.78
N ASP A 222 -4.87 -5.19 -0.36
CA ASP A 222 -5.34 -6.13 0.63
C ASP A 222 -5.39 -7.58 0.10
N LEU A 223 -4.93 -8.49 0.95
CA LEU A 223 -4.86 -9.91 0.62
C LEU A 223 -6.10 -10.48 -0.06
N SER A 224 -7.28 -10.04 0.39
CA SER A 224 -8.54 -10.53 -0.15
C SER A 224 -8.77 -10.26 -1.63
N GLN A 225 -8.05 -9.28 -2.16
CA GLN A 225 -8.19 -8.93 -3.57
C GLN A 225 -7.11 -9.53 -4.48
N VAL A 226 -6.04 -10.05 -3.88
CA VAL A 226 -4.94 -10.59 -4.66
C VAL A 226 -5.38 -11.60 -5.71
N TYR A 227 -6.01 -12.69 -5.29
CA TYR A 227 -6.44 -13.72 -6.23
C TYR A 227 -7.21 -13.14 -7.42
N GLU A 228 -8.35 -12.53 -7.16
CA GLU A 228 -9.15 -11.95 -8.23
C GLU A 228 -8.30 -11.09 -9.16
N LEU A 229 -7.45 -10.26 -8.58
CA LEU A 229 -6.58 -9.40 -9.38
C LEU A 229 -5.68 -10.26 -10.28
N LEU A 230 -5.09 -11.31 -9.71
CA LEU A 230 -4.20 -12.18 -10.49
C LEU A 230 -4.98 -12.84 -11.62
N GLU A 231 -6.21 -13.23 -11.33
CA GLU A 231 -7.09 -13.87 -12.29
C GLU A 231 -7.41 -12.92 -13.43
N LYS A 232 -7.40 -11.62 -13.16
CA LYS A 232 -7.69 -10.62 -14.18
C LYS A 232 -6.42 -10.10 -14.84
N ASP A 233 -5.35 -10.88 -14.70
CA ASP A 233 -4.05 -10.59 -15.26
C ASP A 233 -3.23 -9.45 -14.66
N TYR A 234 -3.57 -9.04 -13.45
CA TYR A 234 -2.76 -8.02 -12.81
C TYR A 234 -1.49 -8.71 -12.33
N ARG A 235 -0.37 -7.99 -12.38
CA ARG A 235 0.92 -8.50 -11.93
C ARG A 235 1.71 -7.31 -11.41
N MET A 236 2.63 -7.53 -10.48
CA MET A 236 3.43 -6.42 -9.95
C MET A 236 4.23 -5.79 -11.09
N GLU A 237 4.44 -4.49 -11.01
CA GLU A 237 5.19 -3.76 -12.04
C GLU A 237 6.70 -3.90 -11.86
N ARG A 238 7.44 -3.68 -12.94
CA ARG A 238 8.88 -3.76 -12.87
C ARG A 238 9.41 -2.75 -11.86
N PRO A 239 10.11 -3.24 -10.83
CA PRO A 239 10.66 -2.34 -9.80
C PRO A 239 11.69 -1.40 -10.43
N GLU A 240 11.84 -0.21 -9.85
CA GLU A 240 12.79 0.77 -10.37
C GLU A 240 14.21 0.22 -10.40
N GLY A 241 14.86 0.28 -11.55
CA GLY A 241 16.23 -0.21 -11.67
C GLY A 241 16.37 -1.70 -11.94
N CYS A 242 15.26 -2.42 -12.00
CA CYS A 242 15.29 -3.84 -12.27
C CYS A 242 15.50 -4.05 -13.75
N PRO A 243 16.57 -4.75 -14.14
CA PRO A 243 16.83 -4.98 -15.56
C PRO A 243 15.64 -5.66 -16.25
N GLU A 244 15.39 -5.28 -17.49
CA GLU A 244 14.28 -5.83 -18.25
C GLU A 244 14.31 -7.35 -18.32
N LYS A 245 15.49 -7.91 -18.51
CA LYS A 245 15.63 -9.37 -18.60
C LYS A 245 15.19 -10.06 -17.30
N VAL A 246 15.47 -9.43 -16.17
CA VAL A 246 15.10 -10.02 -14.91
C VAL A 246 13.59 -10.00 -14.77
N TYR A 247 13.00 -8.82 -15.01
CA TYR A 247 11.56 -8.66 -14.93
C TYR A 247 10.89 -9.63 -15.92
N GLU A 248 11.49 -9.79 -17.08
CA GLU A 248 10.94 -10.72 -18.06
C GLU A 248 10.87 -12.09 -17.39
N LEU A 249 11.85 -12.40 -16.54
CA LEU A 249 11.86 -13.69 -15.87
C LEU A 249 10.75 -13.76 -14.80
N MET A 250 10.57 -12.64 -14.09
CA MET A 250 9.53 -12.54 -13.08
C MET A 250 8.17 -12.88 -13.71
N ARG A 251 7.85 -12.18 -14.79
CA ARG A 251 6.58 -12.36 -15.48
C ARG A 251 6.35 -13.78 -15.99
N ALA A 252 7.41 -14.46 -16.41
CA ALA A 252 7.30 -15.84 -16.89
C ALA A 252 7.01 -16.78 -15.72
N CYS A 253 7.59 -16.48 -14.56
CA CYS A 253 7.34 -17.30 -13.38
C CYS A 253 5.91 -17.10 -12.94
N TRP A 254 5.32 -15.96 -13.29
CA TRP A 254 3.94 -15.68 -12.87
C TRP A 254 2.85 -16.00 -13.91
N GLN A 255 3.16 -16.89 -14.84
CA GLN A 255 2.20 -17.31 -15.84
C GLN A 255 1.05 -17.99 -15.11
N TRP A 256 -0.18 -17.60 -15.43
CA TRP A 256 -1.35 -18.16 -14.76
C TRP A 256 -1.38 -19.69 -14.73
N ASN A 257 -1.03 -20.31 -15.84
CA ASN A 257 -1.02 -21.77 -15.89
C ASN A 257 0.39 -22.26 -15.54
N PRO A 258 0.51 -23.07 -14.48
CA PRO A 258 1.82 -23.59 -14.08
C PRO A 258 2.65 -24.20 -15.21
N SER A 259 2.01 -24.97 -16.08
CA SER A 259 2.71 -25.61 -17.19
C SER A 259 3.39 -24.61 -18.10
N ASP A 260 2.91 -23.38 -18.10
CA ASP A 260 3.50 -22.35 -18.93
C ASP A 260 4.70 -21.68 -18.24
N ARG A 261 4.89 -21.93 -16.95
CA ARG A 261 6.02 -21.34 -16.23
C ARG A 261 7.30 -22.12 -16.48
N PRO A 262 8.44 -21.41 -16.59
CA PRO A 262 9.74 -22.07 -16.83
C PRO A 262 10.17 -22.97 -15.67
N SER A 263 11.00 -23.97 -15.97
CA SER A 263 11.48 -24.86 -14.92
C SER A 263 12.67 -24.14 -14.29
N PHE A 264 13.07 -24.56 -13.10
CA PHE A 264 14.20 -23.92 -12.42
C PHE A 264 15.53 -24.08 -13.18
N ALA A 265 15.69 -25.20 -13.87
CA ALA A 265 16.90 -25.45 -14.66
C ALA A 265 17.03 -24.33 -15.68
N GLU A 266 15.89 -23.99 -16.29
CA GLU A 266 15.82 -22.94 -17.29
C GLU A 266 16.05 -21.58 -16.64
N ILE A 267 15.49 -21.39 -15.45
CA ILE A 267 15.66 -20.13 -14.76
C ILE A 267 17.13 -19.95 -14.42
N HIS A 268 17.73 -20.99 -13.87
CA HIS A 268 19.14 -20.95 -13.50
C HIS A 268 19.99 -20.62 -14.74
N GLN A 269 19.73 -21.34 -15.83
CA GLN A 269 20.42 -21.14 -17.10
C GLN A 269 20.42 -19.65 -17.45
N ALA A 270 19.23 -19.06 -17.48
CA ALA A 270 19.09 -17.65 -17.83
C ALA A 270 19.91 -16.75 -16.91
N PHE A 271 19.93 -17.05 -15.62
CA PHE A 271 20.68 -16.22 -14.71
C PHE A 271 22.19 -16.31 -14.93
N GLU A 272 22.70 -17.54 -15.06
CA GLU A 272 24.12 -17.76 -15.31
C GLU A 272 24.55 -16.81 -16.45
N THR A 273 23.86 -16.92 -17.59
CA THR A 273 24.11 -16.08 -18.74
C THR A 273 24.23 -14.60 -18.36
N MET A 274 23.19 -14.04 -17.75
CA MET A 274 23.14 -12.63 -17.38
C MET A 274 24.29 -12.25 -16.43
N PHE A 275 24.40 -12.96 -15.32
CA PHE A 275 25.44 -12.65 -14.31
C PHE A 275 26.85 -12.57 -14.95
N GLN A 276 27.25 -13.58 -15.71
CA GLN A 276 28.56 -13.57 -16.35
C GLN A 276 28.71 -12.38 -17.30
N GLU A 277 27.61 -11.99 -17.93
CA GLU A 277 27.64 -10.86 -18.86
C GLU A 277 27.90 -9.54 -18.13
N SER A 278 27.27 -9.36 -16.95
CA SER A 278 27.48 -8.13 -16.20
C SER A 278 28.78 -8.20 -15.39
N SER A 279 29.00 -9.32 -14.71
CA SER A 279 30.21 -9.50 -13.91
C SER A 279 31.48 -9.66 -14.74
N ILE A 280 31.39 -10.48 -15.77
CA ILE A 280 32.52 -10.77 -16.66
C ILE A 280 33.67 -11.42 -15.92
N MET B 3 -19.32 51.25 -3.68
CA MET B 3 -19.90 51.78 -4.92
C MET B 3 -21.32 52.33 -4.67
N ASP B 4 -21.57 53.54 -5.16
CA ASP B 4 -22.89 54.18 -5.02
C ASP B 4 -23.86 53.66 -6.08
N PRO B 5 -25.13 53.46 -5.70
CA PRO B 5 -26.15 52.86 -6.56
C PRO B 5 -26.30 53.54 -7.89
N SER B 6 -26.30 54.86 -8.02
CA SER B 6 -26.53 55.45 -9.35
C SER B 6 -25.44 55.05 -10.33
N SER B 7 -24.25 54.75 -9.87
CA SER B 7 -23.07 54.38 -10.68
C SER B 7 -23.40 53.44 -11.88
N PRO B 8 -22.78 53.73 -13.05
CA PRO B 8 -22.96 52.94 -14.28
C PRO B 8 -22.44 51.51 -14.09
N ASN B 9 -21.34 51.34 -13.37
CA ASN B 9 -20.78 50.01 -13.19
C ASN B 9 -21.05 49.53 -11.75
N TYR B 10 -22.26 49.70 -11.25
CA TYR B 10 -22.51 49.26 -9.90
C TYR B 10 -22.47 47.76 -9.76
N ASP B 11 -21.65 47.26 -8.89
CA ASP B 11 -21.61 45.83 -8.56
C ASP B 11 -21.89 45.75 -7.09
N LYS B 12 -22.96 45.10 -6.71
CA LYS B 12 -23.30 45.02 -5.27
C LYS B 12 -22.24 44.25 -4.50
N TRP B 13 -21.47 43.43 -5.17
CA TRP B 13 -20.44 42.65 -4.49
C TRP B 13 -19.15 43.42 -4.21
N GLU B 14 -18.87 44.43 -5.03
CA GLU B 14 -17.65 45.22 -4.84
C GLU B 14 -17.72 45.85 -3.46
N MET B 15 -16.61 45.85 -2.75
CA MET B 15 -16.61 46.47 -1.43
C MET B 15 -15.37 47.30 -1.20
N GLU B 16 -15.40 48.07 -0.12
CA GLU B 16 -14.30 48.97 0.23
C GLU B 16 -13.13 48.20 0.83
N ARG B 17 -12.03 48.13 0.09
CA ARG B 17 -10.83 47.45 0.54
C ARG B 17 -10.46 47.89 1.96
N THR B 18 -10.63 49.17 2.22
CA THR B 18 -10.33 49.75 3.52
C THR B 18 -11.16 49.16 4.66
N ASP B 19 -12.32 48.60 4.32
CA ASP B 19 -13.20 48.01 5.34
C ASP B 19 -12.62 46.69 5.84
N ILE B 20 -11.51 46.26 5.24
CA ILE B 20 -10.88 45.01 5.63
C ILE B 20 -9.50 45.21 6.26
N THR B 21 -9.27 44.51 7.37
CA THR B 21 -8.00 44.59 8.07
C THR B 21 -7.23 43.30 7.83
N MET B 22 -6.42 43.31 6.77
CA MET B 22 -5.64 42.14 6.41
C MET B 22 -4.64 41.77 7.50
N LYS B 23 -4.61 40.48 7.83
CA LYS B 23 -3.69 39.97 8.84
C LYS B 23 -2.71 38.99 8.22
N HIS B 24 -2.35 37.97 8.99
CA HIS B 24 -1.41 36.94 8.56
C HIS B 24 -2.07 35.95 7.60
N LYS B 25 -1.26 35.14 6.92
CA LYS B 25 -1.79 34.16 5.98
C LYS B 25 -2.62 33.13 6.73
N LEU B 26 -3.59 32.56 6.04
CA LEU B 26 -4.46 31.55 6.64
C LEU B 26 -3.82 30.17 6.59
N GLY B 27 -3.95 29.42 7.68
CA GLY B 27 -3.39 28.08 7.74
C GLY B 27 -1.90 27.98 7.44
N GLY B 28 -1.09 28.81 8.11
CA GLY B 28 0.34 28.78 7.88
C GLY B 28 0.74 28.92 6.42
N GLY B 29 -0.21 29.33 5.58
CA GLY B 29 0.08 29.49 4.17
C GLY B 29 -0.18 28.27 3.34
N GLN B 30 -0.93 27.32 3.90
CA GLN B 30 -1.25 26.09 3.17
C GLN B 30 -2.24 26.35 2.03
N TYR B 31 -3.02 27.42 2.15
CA TYR B 31 -4.01 27.75 1.13
C TYR B 31 -3.48 28.75 0.11
N GLY B 32 -2.19 29.08 0.20
CA GLY B 32 -1.63 30.03 -0.73
C GLY B 32 -1.94 31.46 -0.33
N GLU B 33 -2.18 32.33 -1.30
CA GLU B 33 -2.46 33.73 -1.04
C GLU B 33 -3.82 34.01 -0.40
N VAL B 34 -4.09 33.39 0.74
CA VAL B 34 -5.33 33.61 1.46
C VAL B 34 -4.95 34.08 2.87
N TYR B 35 -5.49 35.22 3.28
CA TYR B 35 -5.17 35.76 4.60
C TYR B 35 -6.36 35.85 5.52
N GLU B 36 -6.08 35.92 6.81
CA GLU B 36 -7.13 36.15 7.79
C GLU B 36 -7.42 37.62 7.76
N GLY B 37 -8.66 38.00 7.94
CA GLY B 37 -9.00 39.41 7.91
C GLY B 37 -10.20 39.72 8.78
N VAL B 38 -10.39 41.01 9.05
CA VAL B 38 -11.52 41.44 9.85
C VAL B 38 -12.34 42.49 9.12
N TRP B 39 -13.62 42.18 8.91
CA TRP B 39 -14.51 43.11 8.25
C TRP B 39 -14.90 44.13 9.32
N LYS B 40 -14.09 45.18 9.42
CA LYS B 40 -14.26 46.25 10.39
C LYS B 40 -15.70 46.55 10.82
N LYS B 41 -16.50 47.03 9.88
CA LYS B 41 -17.89 47.38 10.13
C LYS B 41 -18.71 46.35 10.89
N TYR B 42 -18.19 45.13 11.02
CA TYR B 42 -18.93 44.11 11.74
C TYR B 42 -18.06 43.30 12.70
N SER B 43 -16.80 43.69 12.84
CA SER B 43 -15.88 42.99 13.74
C SER B 43 -15.93 41.50 13.44
N LEU B 44 -16.02 41.18 12.15
CA LEU B 44 -16.11 39.80 11.69
C LEU B 44 -14.81 39.29 11.08
N THR B 45 -14.40 38.09 11.49
CA THR B 45 -13.20 37.48 10.94
C THR B 45 -13.59 36.85 9.61
N VAL B 46 -12.83 37.16 8.57
CA VAL B 46 -13.13 36.65 7.24
C VAL B 46 -11.88 36.14 6.55
N ALA B 47 -12.09 35.38 5.47
CA ALA B 47 -10.99 34.84 4.70
C ALA B 47 -10.89 35.65 3.42
N VAL B 48 -9.70 36.16 3.13
CA VAL B 48 -9.51 36.98 1.95
C VAL B 48 -8.44 36.44 1.02
N LYS B 49 -8.85 35.98 -0.15
CA LYS B 49 -7.91 35.48 -1.14
C LYS B 49 -7.50 36.68 -2.02
N THR B 50 -6.20 36.86 -2.18
CA THR B 50 -5.69 37.96 -2.97
C THR B 50 -4.89 37.39 -4.13
N LEU B 51 -4.44 38.27 -5.02
CA LEU B 51 -3.68 37.85 -6.18
C LEU B 51 -2.25 38.40 -6.14
N GLU B 57 -2.84 35.49 -13.58
CA GLU B 57 -4.01 34.79 -13.10
C GLU B 57 -5.21 35.71 -12.95
N VAL B 58 -5.00 37.01 -13.19
CA VAL B 58 -6.07 37.99 -13.05
C VAL B 58 -7.33 37.53 -13.80
N GLU B 59 -7.13 36.77 -14.86
CA GLU B 59 -8.24 36.26 -15.65
C GLU B 59 -8.95 35.14 -14.90
N GLU B 60 -8.21 34.09 -14.58
CA GLU B 60 -8.75 32.94 -13.86
C GLU B 60 -9.40 33.41 -12.56
N PHE B 61 -8.79 34.39 -11.92
CA PHE B 61 -9.27 34.95 -10.67
C PHE B 61 -10.69 35.51 -10.86
N LEU B 62 -10.82 36.46 -11.78
CA LEU B 62 -12.10 37.09 -12.05
C LEU B 62 -13.16 36.08 -12.48
N LYS B 63 -12.73 35.01 -13.10
CA LYS B 63 -13.66 33.97 -13.51
C LYS B 63 -14.21 33.30 -12.25
N GLU B 64 -13.36 33.13 -11.24
CA GLU B 64 -13.79 32.52 -10.00
C GLU B 64 -14.79 33.43 -9.30
N ALA B 65 -14.42 34.70 -9.11
CA ALA B 65 -15.29 35.67 -8.46
C ALA B 65 -16.70 35.64 -9.08
N ALA B 66 -16.73 35.64 -10.41
CA ALA B 66 -18.01 35.62 -11.15
C ALA B 66 -18.82 34.38 -10.80
N VAL B 67 -18.17 33.22 -10.83
CA VAL B 67 -18.83 31.96 -10.51
C VAL B 67 -19.43 32.03 -9.11
N MET B 68 -18.64 32.45 -8.14
CA MET B 68 -19.11 32.52 -6.76
C MET B 68 -20.30 33.45 -6.52
N LYS B 69 -20.47 34.46 -7.36
CA LYS B 69 -21.61 35.38 -7.20
C LYS B 69 -22.89 34.69 -7.64
N GLU B 70 -22.76 33.59 -8.40
CA GLU B 70 -23.90 32.84 -8.90
C GLU B 70 -24.33 31.69 -7.99
N ILE B 71 -23.59 31.43 -6.91
CA ILE B 71 -23.96 30.32 -6.04
C ILE B 71 -24.24 30.67 -4.59
N LYS B 72 -25.26 30.04 -4.04
CA LYS B 72 -25.62 30.29 -2.67
C LYS B 72 -26.29 29.03 -2.15
N HIS B 73 -25.80 28.53 -1.03
CA HIS B 73 -26.36 27.31 -0.44
C HIS B 73 -25.80 27.27 0.96
N PRO B 74 -26.59 26.80 1.92
CA PRO B 74 -26.09 26.74 3.29
C PRO B 74 -24.81 25.89 3.44
N ASN B 75 -24.54 25.00 2.48
CA ASN B 75 -23.34 24.17 2.60
C ASN B 75 -22.22 24.36 1.58
N LEU B 76 -22.15 25.58 1.04
CA LEU B 76 -21.13 25.98 0.09
C LEU B 76 -20.51 27.23 0.68
N VAL B 77 -19.18 27.34 0.65
CA VAL B 77 -18.52 28.49 1.23
C VAL B 77 -19.21 29.81 0.76
N GLN B 78 -19.55 30.67 1.70
CA GLN B 78 -20.25 31.93 1.38
C GLN B 78 -19.42 33.13 0.94
N LEU B 79 -19.63 33.56 -0.29
CA LEU B 79 -18.94 34.74 -0.81
C LEU B 79 -19.53 35.93 -0.06
N LEU B 80 -18.65 36.80 0.45
CA LEU B 80 -19.09 37.99 1.17
C LEU B 80 -18.90 39.26 0.34
N GLY B 81 -17.85 39.28 -0.48
CA GLY B 81 -17.57 40.43 -1.31
C GLY B 81 -16.27 40.31 -2.08
N VAL B 82 -16.02 41.25 -2.98
CA VAL B 82 -14.80 41.24 -3.75
C VAL B 82 -14.26 42.65 -3.88
N CYS B 83 -13.01 42.74 -4.20
CA CYS B 83 -12.32 43.97 -4.48
C CYS B 83 -11.57 43.77 -5.78
N THR B 84 -12.32 43.92 -6.86
CA THR B 84 -11.74 43.73 -8.20
C THR B 84 -11.90 45.00 -9.04
N ARG B 85 -11.94 46.15 -8.36
CA ARG B 85 -12.01 47.44 -9.05
C ARG B 85 -10.62 47.68 -9.62
N GLU B 86 -9.64 47.60 -8.73
CA GLU B 86 -8.23 47.76 -9.04
C GLU B 86 -7.41 46.86 -8.13
N PRO B 87 -6.16 46.58 -8.51
CA PRO B 87 -5.26 45.74 -7.73
C PRO B 87 -4.97 46.37 -6.38
N PRO B 88 -4.75 45.55 -5.34
CA PRO B 88 -4.75 44.07 -5.36
C PRO B 88 -6.17 43.52 -5.34
N PHE B 89 -6.42 42.53 -6.19
CA PHE B 89 -7.74 41.91 -6.27
C PHE B 89 -8.06 41.05 -5.04
N TYR B 90 -9.28 41.17 -4.54
CA TYR B 90 -9.72 40.40 -3.39
C TYR B 90 -10.98 39.61 -3.68
N ILE B 91 -11.12 38.52 -2.99
CA ILE B 91 -12.31 37.70 -2.91
C ILE B 91 -12.45 37.32 -1.45
N ILE B 92 -13.51 37.84 -0.83
CA ILE B 92 -13.74 37.60 0.60
C ILE B 92 -14.91 36.66 0.82
N THR B 93 -14.66 35.70 1.71
CA THR B 93 -15.67 34.72 2.09
C THR B 93 -15.68 34.65 3.60
N GLU B 94 -16.66 33.94 4.13
CA GLU B 94 -16.75 33.76 5.57
C GLU B 94 -15.54 32.97 6.05
N PHE B 95 -15.31 32.99 7.36
CA PHE B 95 -14.22 32.24 7.96
C PHE B 95 -14.88 31.10 8.72
N MET B 96 -14.39 29.88 8.51
CA MET B 96 -14.94 28.72 9.20
C MET B 96 -14.05 28.39 10.38
N THR B 97 -14.58 28.55 11.58
CA THR B 97 -13.84 28.31 12.81
C THR B 97 -12.83 27.17 12.85
N TYR B 98 -13.25 25.95 12.47
CA TYR B 98 -12.35 24.81 12.71
C TYR B 98 -11.45 24.39 11.51
N GLY B 99 -11.39 25.19 10.47
CA GLY B 99 -10.49 24.90 9.32
C GLY B 99 -11.05 23.82 8.38
N ASN B 100 -10.13 23.25 7.58
CA ASN B 100 -10.50 22.25 6.58
C ASN B 100 -10.91 20.92 7.22
N LEU B 101 -11.80 20.19 6.56
CA LEU B 101 -12.28 18.92 7.06
C LEU B 101 -11.24 17.79 7.21
N LEU B 102 -10.26 17.74 6.32
CA LEU B 102 -9.24 16.71 6.41
C LEU B 102 -8.55 16.78 7.77
N ASP B 103 -7.94 17.92 8.06
CA ASP B 103 -7.25 18.07 9.34
C ASP B 103 -8.18 17.91 10.53
N TYR B 104 -9.40 18.43 10.41
CA TYR B 104 -10.37 18.32 11.50
C TYR B 104 -10.63 16.87 11.86
N LEU B 105 -10.90 16.03 10.85
CA LEU B 105 -11.16 14.62 11.08
C LEU B 105 -9.98 13.95 11.80
N ARG B 106 -8.77 14.29 11.38
CA ARG B 106 -7.56 13.73 11.93
C ARG B 106 -7.21 14.14 13.36
N GLU B 107 -7.69 15.31 13.79
CA GLU B 107 -7.38 15.83 15.11
C GLU B 107 -8.55 15.93 16.08
N CYS B 108 -9.69 15.37 15.71
CA CYS B 108 -10.87 15.49 16.55
C CYS B 108 -11.02 14.49 17.69
N ASN B 109 -11.94 14.79 18.57
CA ASN B 109 -12.35 13.91 19.65
C ASN B 109 -13.36 12.96 19.05
N ARG B 110 -12.92 11.77 18.76
CA ARG B 110 -13.78 10.78 18.10
C ARG B 110 -15.01 10.43 18.94
N GLN B 111 -15.00 10.72 20.23
CA GLN B 111 -16.17 10.45 21.06
C GLN B 111 -17.21 11.51 20.70
N GLU B 112 -16.72 12.71 20.38
CA GLU B 112 -17.60 13.81 20.01
C GLU B 112 -18.07 13.58 18.58
N VAL B 113 -17.11 13.49 17.65
CA VAL B 113 -17.40 13.27 16.24
C VAL B 113 -17.66 11.78 16.05
N ASN B 114 -18.83 11.35 16.47
CA ASN B 114 -19.19 9.94 16.38
C ASN B 114 -19.84 9.56 15.05
N ALA B 115 -20.25 8.30 14.93
CA ALA B 115 -20.87 7.81 13.70
C ALA B 115 -21.99 8.69 13.20
N VAL B 116 -22.80 9.20 14.14
CA VAL B 116 -23.92 10.05 13.77
C VAL B 116 -23.46 11.37 13.17
N VAL B 117 -22.33 11.88 13.67
CA VAL B 117 -21.80 13.13 13.17
C VAL B 117 -21.19 12.92 11.80
N LEU B 118 -20.47 11.81 11.63
CA LEU B 118 -19.85 11.47 10.35
C LEU B 118 -20.92 11.39 9.29
N LEU B 119 -22.06 10.83 9.67
CA LEU B 119 -23.18 10.69 8.75
C LEU B 119 -23.78 12.06 8.44
N TYR B 120 -23.76 12.93 9.44
CA TYR B 120 -24.28 14.27 9.32
C TYR B 120 -23.42 15.02 8.32
N MET B 121 -22.11 14.88 8.47
CA MET B 121 -21.16 15.57 7.61
C MET B 121 -21.30 15.17 6.13
N ALA B 122 -21.50 13.88 5.89
CA ALA B 122 -21.65 13.37 4.53
C ALA B 122 -22.94 13.89 3.92
N THR B 123 -23.98 13.98 4.73
CA THR B 123 -25.27 14.45 4.26
C THR B 123 -25.22 15.91 3.85
N GLN B 124 -24.48 16.73 4.58
CA GLN B 124 -24.38 18.14 4.24
C GLN B 124 -23.64 18.30 2.91
N ILE B 125 -22.53 17.59 2.78
CA ILE B 125 -21.73 17.64 1.56
C ILE B 125 -22.55 17.21 0.35
N SER B 126 -23.29 16.11 0.48
CA SER B 126 -24.13 15.63 -0.62
C SER B 126 -25.18 16.68 -0.99
N SER B 127 -25.64 17.46 0.00
CA SER B 127 -26.64 18.49 -0.24
C SER B 127 -26.02 19.61 -1.08
N ALA B 128 -24.81 20.01 -0.72
CA ALA B 128 -24.10 21.03 -1.45
C ALA B 128 -23.86 20.56 -2.88
N MET B 129 -23.53 19.29 -3.05
CA MET B 129 -23.26 18.76 -4.38
C MET B 129 -24.53 18.66 -5.23
N GLU B 130 -25.65 18.34 -4.60
CA GLU B 130 -26.92 18.23 -5.29
C GLU B 130 -27.27 19.60 -5.86
N TYR B 131 -27.00 20.64 -5.07
CA TYR B 131 -27.25 22.00 -5.51
C TYR B 131 -26.37 22.31 -6.71
N LEU B 132 -25.08 22.01 -6.59
CA LEU B 132 -24.11 22.27 -7.65
C LEU B 132 -24.52 21.50 -8.89
N GLU B 133 -25.03 20.29 -8.69
CA GLU B 133 -25.48 19.46 -9.78
C GLU B 133 -26.63 20.18 -10.49
N LYS B 134 -27.59 20.66 -9.70
CA LYS B 134 -28.75 21.36 -10.24
C LYS B 134 -28.37 22.54 -11.12
N LYS B 135 -27.44 23.35 -10.64
CA LYS B 135 -26.98 24.52 -11.35
C LYS B 135 -26.04 24.15 -12.49
N ASN B 136 -25.87 22.87 -12.74
CA ASN B 136 -24.99 22.37 -13.81
C ASN B 136 -23.52 22.72 -13.64
N PHE B 137 -23.07 22.98 -12.43
CA PHE B 137 -21.65 23.28 -12.21
C PHE B 137 -20.90 21.98 -11.93
N ILE B 138 -19.61 21.96 -12.22
CA ILE B 138 -18.79 20.78 -12.00
C ILE B 138 -17.70 21.21 -11.02
N HIS B 139 -17.56 20.48 -9.91
CA HIS B 139 -16.57 20.83 -8.91
C HIS B 139 -15.13 20.55 -9.34
N ARG B 140 -14.87 19.32 -9.79
CA ARG B 140 -13.53 18.90 -10.26
C ARG B 140 -12.46 18.58 -9.22
N ASP B 141 -12.66 18.96 -7.96
CA ASP B 141 -11.67 18.67 -6.93
C ASP B 141 -12.33 18.46 -5.57
N LEU B 142 -13.36 17.63 -5.55
CA LEU B 142 -14.06 17.34 -4.31
C LEU B 142 -13.20 16.40 -3.45
N ALA B 143 -12.94 16.83 -2.24
CA ALA B 143 -12.11 16.08 -1.31
C ALA B 143 -12.22 16.73 0.06
N ALA B 144 -11.86 15.99 1.11
CA ALA B 144 -11.94 16.51 2.46
C ALA B 144 -11.13 17.79 2.64
N ARG B 145 -10.00 17.86 1.96
CA ARG B 145 -9.10 19.02 2.04
C ARG B 145 -9.74 20.29 1.46
N ASN B 146 -10.83 20.13 0.72
CA ASN B 146 -11.52 21.26 0.14
C ASN B 146 -12.82 21.61 0.88
N CYS B 147 -13.03 20.97 2.03
CA CYS B 147 -14.23 21.24 2.82
C CYS B 147 -13.86 21.97 4.11
N LEU B 148 -14.80 22.76 4.64
CA LEU B 148 -14.55 23.50 5.88
C LEU B 148 -15.52 23.03 6.95
N VAL B 149 -15.12 23.18 8.21
CA VAL B 149 -15.98 22.79 9.31
C VAL B 149 -16.24 23.99 10.21
N GLY B 150 -17.50 24.21 10.57
CA GLY B 150 -17.82 25.33 11.42
C GLY B 150 -18.32 24.85 12.77
N GLU B 151 -19.06 25.71 13.47
CA GLU B 151 -19.59 25.32 14.78
C GLU B 151 -20.73 24.34 14.61
N ASN B 152 -20.87 23.46 15.59
CA ASN B 152 -21.91 22.45 15.58
C ASN B 152 -21.77 21.51 14.40
N HIS B 153 -20.53 21.13 14.08
CA HIS B 153 -20.28 20.21 12.98
C HIS B 153 -20.93 20.66 11.68
N LEU B 154 -20.83 21.95 11.39
CA LEU B 154 -21.40 22.50 10.16
C LEU B 154 -20.29 22.31 9.14
N VAL B 155 -20.62 21.72 8.00
CA VAL B 155 -19.61 21.53 6.97
C VAL B 155 -20.05 22.18 5.67
N LYS B 156 -19.10 22.83 5.01
CA LYS B 156 -19.35 23.50 3.73
C LYS B 156 -18.31 23.10 2.69
N VAL B 157 -18.78 22.86 1.46
CA VAL B 157 -17.90 22.51 0.36
C VAL B 157 -17.27 23.80 -0.16
N ALA B 158 -16.01 23.70 -0.56
CA ALA B 158 -15.27 24.82 -1.05
C ALA B 158 -14.37 24.35 -2.18
N ASP B 159 -13.56 25.26 -2.69
CA ASP B 159 -12.60 24.92 -3.73
C ASP B 159 -11.42 25.85 -3.56
N PHE B 160 -10.36 25.34 -2.97
CA PHE B 160 -9.19 26.16 -2.70
C PHE B 160 -8.16 26.23 -3.82
N GLY B 161 -8.42 25.55 -4.94
CA GLY B 161 -7.47 25.56 -6.03
C GLY B 161 -6.14 25.09 -5.52
N LEU B 162 -6.15 23.97 -4.81
CA LEU B 162 -4.97 23.39 -4.19
C LEU B 162 -3.96 22.72 -5.12
N SER B 163 -4.40 22.25 -6.28
CA SER B 163 -3.52 21.57 -7.23
C SER B 163 -2.26 22.40 -7.52
N THR B 170 -0.46 14.40 -2.96
CA THR B 170 -1.87 14.47 -3.30
C THR B 170 -2.05 14.71 -4.79
N TYR B 171 -1.45 15.79 -5.30
CA TYR B 171 -1.54 16.10 -6.72
C TYR B 171 -0.25 15.79 -7.44
N THR B 172 -0.36 15.12 -8.58
CA THR B 172 0.81 14.79 -9.38
C THR B 172 0.59 15.22 -10.82
N ALA B 173 1.65 15.24 -11.60
CA ALA B 173 1.50 15.67 -12.98
C ALA B 173 0.86 14.62 -13.88
N HIS B 174 -0.40 14.81 -14.23
CA HIS B 174 -1.09 13.88 -15.11
C HIS B 174 -1.78 14.72 -16.18
N ALA B 175 -1.22 14.70 -17.38
CA ALA B 175 -1.73 15.51 -18.50
C ALA B 175 -1.17 16.92 -18.32
N GLY B 176 0.12 16.98 -18.03
CA GLY B 176 0.80 18.24 -17.81
C GLY B 176 0.29 18.98 -16.60
N ALA B 177 -0.97 18.75 -16.24
CA ALA B 177 -1.50 19.44 -15.08
C ALA B 177 -1.27 18.60 -13.82
N LYS B 178 -1.79 19.08 -12.70
CA LYS B 178 -1.67 18.35 -11.46
C LYS B 178 -3.04 17.91 -10.99
N PHE B 179 -3.24 16.59 -10.93
CA PHE B 179 -4.53 16.06 -10.51
C PHE B 179 -4.38 15.10 -9.35
N PRO B 180 -5.34 15.14 -8.43
CA PRO B 180 -5.32 14.25 -7.27
C PRO B 180 -5.80 12.89 -7.80
N ILE B 181 -4.82 12.19 -8.38
CA ILE B 181 -5.02 10.88 -8.98
C ILE B 181 -5.91 10.00 -8.15
N LYS B 182 -5.64 9.86 -6.86
CA LYS B 182 -6.45 8.95 -6.04
C LYS B 182 -7.93 9.32 -5.85
N TRP B 183 -8.33 10.52 -6.27
CA TRP B 183 -9.72 11.01 -6.16
C TRP B 183 -10.34 11.17 -7.55
N THR B 184 -9.54 10.94 -8.60
CA THR B 184 -9.97 11.12 -9.98
C THR B 184 -10.63 9.91 -10.63
N ALA B 185 -11.80 10.11 -11.21
CA ALA B 185 -12.54 9.04 -11.88
C ALA B 185 -11.74 8.54 -13.09
N PRO B 186 -11.90 7.24 -13.46
CA PRO B 186 -11.20 6.61 -14.59
C PRO B 186 -11.28 7.39 -15.90
N GLU B 187 -12.50 7.77 -16.29
CA GLU B 187 -12.70 8.50 -17.53
C GLU B 187 -11.98 9.84 -17.50
N SER B 188 -11.76 10.37 -16.30
CA SER B 188 -11.07 11.64 -16.16
C SER B 188 -9.58 11.42 -16.31
N LEU B 189 -9.10 10.29 -15.80
CA LEU B 189 -7.68 9.96 -15.89
C LEU B 189 -7.33 9.62 -17.34
N ALA B 190 -8.18 8.81 -17.97
CA ALA B 190 -7.97 8.37 -19.33
C ALA B 190 -8.21 9.41 -20.44
N TYR B 191 -9.42 9.97 -20.48
CA TYR B 191 -9.77 10.93 -21.52
C TYR B 191 -9.99 12.36 -21.06
N ASN B 192 -9.47 12.71 -19.89
CA ASN B 192 -9.63 14.07 -19.36
C ASN B 192 -11.07 14.55 -19.44
N LYS B 193 -12.02 13.62 -19.31
CA LYS B 193 -13.44 13.96 -19.36
C LYS B 193 -13.94 14.20 -17.95
N PHE B 194 -14.27 15.44 -17.65
CA PHE B 194 -14.79 15.80 -16.33
C PHE B 194 -16.27 16.12 -16.40
N SER B 195 -17.02 15.58 -15.45
CA SER B 195 -18.46 15.80 -15.40
C SER B 195 -18.91 15.67 -13.96
N ILE B 196 -20.20 15.89 -13.75
CA ILE B 196 -20.75 15.79 -12.41
C ILE B 196 -20.66 14.34 -11.95
N LYS B 197 -20.56 13.42 -12.89
CA LYS B 197 -20.43 12.01 -12.56
C LYS B 197 -19.03 11.73 -12.04
N SER B 198 -18.04 12.50 -12.50
CA SER B 198 -16.69 12.31 -12.02
C SER B 198 -16.64 12.94 -10.61
N ASP B 199 -17.54 13.88 -10.34
CA ASP B 199 -17.60 14.48 -9.00
C ASP B 199 -18.19 13.39 -8.10
N VAL B 200 -19.18 12.67 -8.60
CA VAL B 200 -19.77 11.58 -7.82
C VAL B 200 -18.66 10.58 -7.42
N TRP B 201 -17.76 10.28 -8.36
CA TRP B 201 -16.68 9.34 -8.04
C TRP B 201 -15.81 9.90 -6.90
N ALA B 202 -15.47 11.17 -6.99
CA ALA B 202 -14.66 11.80 -5.96
C ALA B 202 -15.45 11.83 -4.63
N PHE B 203 -16.77 11.94 -4.71
CA PHE B 203 -17.53 11.97 -3.47
C PHE B 203 -17.34 10.62 -2.75
N GLY B 204 -17.28 9.54 -3.52
CA GLY B 204 -17.07 8.22 -2.92
C GLY B 204 -15.75 8.17 -2.15
N VAL B 205 -14.70 8.75 -2.72
CA VAL B 205 -13.41 8.75 -2.06
C VAL B 205 -13.49 9.62 -0.80
N LEU B 206 -14.27 10.69 -0.88
CA LEU B 206 -14.45 11.58 0.26
C LEU B 206 -15.21 10.84 1.37
N LEU B 207 -16.17 9.99 1.02
CA LEU B 207 -16.90 9.20 2.01
C LEU B 207 -15.94 8.28 2.75
N TRP B 208 -14.96 7.77 2.01
CA TRP B 208 -13.96 6.87 2.56
C TRP B 208 -13.07 7.65 3.50
N GLU B 209 -12.75 8.89 3.15
CA GLU B 209 -11.92 9.73 3.99
C GLU B 209 -12.60 9.95 5.34
N ILE B 210 -13.86 10.34 5.28
CA ILE B 210 -14.64 10.61 6.48
C ILE B 210 -14.79 9.37 7.38
N ALA B 211 -15.11 8.23 6.78
CA ALA B 211 -15.27 7.00 7.56
C ALA B 211 -13.96 6.60 8.25
N THR B 212 -12.83 7.02 7.71
CA THR B 212 -11.54 6.67 8.29
C THR B 212 -10.91 7.82 9.08
N TYR B 213 -11.68 8.86 9.35
CA TYR B 213 -11.18 10.00 10.08
C TYR B 213 -9.96 10.66 9.45
N GLY B 214 -9.86 10.59 8.11
CA GLY B 214 -8.81 11.37 7.45
C GLY B 214 -7.63 10.55 6.87
N MET B 215 -7.77 9.24 6.71
CA MET B 215 -6.68 8.43 6.14
C MET B 215 -6.52 8.73 4.65
N SER B 216 -5.29 8.64 4.14
CA SER B 216 -5.03 8.82 2.72
C SER B 216 -5.64 7.62 1.98
N PRO B 217 -6.25 7.86 0.80
CA PRO B 217 -6.86 6.80 0.00
C PRO B 217 -5.84 5.83 -0.58
N TYR B 218 -6.28 4.58 -0.82
CA TYR B 218 -5.41 3.53 -1.35
C TYR B 218 -4.05 3.60 -0.64
N PRO B 219 -4.06 3.52 0.70
CA PRO B 219 -2.80 3.59 1.46
C PRO B 219 -1.77 2.54 0.99
N GLY B 220 -0.54 2.99 0.76
CA GLY B 220 0.52 2.08 0.34
C GLY B 220 0.64 1.79 -1.16
N ILE B 221 -0.44 1.95 -1.89
CA ILE B 221 -0.45 1.69 -3.32
C ILE B 221 0.13 2.88 -4.07
N ASP B 222 1.09 2.63 -4.96
CA ASP B 222 1.69 3.70 -5.74
C ASP B 222 0.76 4.18 -6.86
N LEU B 223 0.69 5.50 -7.03
CA LEU B 223 -0.18 6.12 -8.01
C LEU B 223 -0.20 5.46 -9.39
N SER B 224 0.97 5.06 -9.89
CA SER B 224 1.08 4.43 -11.21
C SER B 224 0.25 3.17 -11.38
N GLN B 225 -0.17 2.54 -10.28
CA GLN B 225 -0.95 1.31 -10.32
C GLN B 225 -2.47 1.54 -10.21
N VAL B 226 -2.84 2.65 -9.58
CA VAL B 226 -4.25 2.96 -9.37
C VAL B 226 -5.19 2.74 -10.54
N TYR B 227 -4.88 3.29 -11.71
CA TYR B 227 -5.77 3.11 -12.84
C TYR B 227 -5.98 1.64 -13.18
N GLU B 228 -4.89 0.96 -13.53
CA GLU B 228 -4.93 -0.45 -13.88
C GLU B 228 -5.67 -1.24 -12.81
N LEU B 229 -5.34 -0.97 -11.54
CA LEU B 229 -6.02 -1.68 -10.45
C LEU B 229 -7.53 -1.47 -10.55
N LEU B 230 -7.93 -0.21 -10.78
CA LEU B 230 -9.34 0.16 -10.92
C LEU B 230 -9.95 -0.55 -12.13
N GLU B 231 -9.26 -0.51 -13.25
CA GLU B 231 -9.76 -1.14 -14.46
C GLU B 231 -10.05 -2.61 -14.24
N LYS B 232 -9.28 -3.24 -13.34
CA LYS B 232 -9.42 -4.66 -13.00
C LYS B 232 -10.32 -4.89 -11.79
N ASP B 233 -11.25 -3.96 -11.60
CA ASP B 233 -12.23 -4.01 -10.54
C ASP B 233 -11.78 -3.91 -9.10
N TYR B 234 -10.55 -3.42 -8.87
CA TYR B 234 -10.10 -3.26 -7.49
C TYR B 234 -10.74 -1.99 -6.88
N ARG B 235 -11.17 -2.10 -5.64
CA ARG B 235 -11.79 -0.96 -4.97
C ARG B 235 -11.42 -1.01 -3.50
N MET B 236 -11.27 0.16 -2.88
CA MET B 236 -10.94 0.18 -1.45
C MET B 236 -11.94 -0.65 -0.66
N GLU B 237 -11.44 -1.31 0.37
CA GLU B 237 -12.29 -2.16 1.21
C GLU B 237 -13.07 -1.33 2.21
N ARG B 238 -14.20 -1.86 2.67
CA ARG B 238 -15.00 -1.16 3.66
C ARG B 238 -14.14 -0.87 4.89
N PRO B 239 -14.03 0.40 5.28
CA PRO B 239 -13.23 0.78 6.45
C PRO B 239 -13.87 0.21 7.73
N GLU B 240 -13.06 0.01 8.76
CA GLU B 240 -13.56 -0.55 10.01
C GLU B 240 -14.60 0.35 10.68
N GLY B 241 -15.78 -0.20 10.94
CA GLY B 241 -16.83 0.58 11.59
C GLY B 241 -17.75 1.31 10.62
N CYS B 242 -17.41 1.26 9.33
CA CYS B 242 -18.23 1.92 8.32
C CYS B 242 -19.50 1.13 8.09
N PRO B 243 -20.66 1.74 8.32
CA PRO B 243 -21.91 1.00 8.10
C PRO B 243 -22.00 0.48 6.67
N GLU B 244 -22.57 -0.71 6.53
CA GLU B 244 -22.74 -1.33 5.22
C GLU B 244 -23.46 -0.42 4.24
N LYS B 245 -24.53 0.22 4.68
CA LYS B 245 -25.29 1.11 3.80
C LYS B 245 -24.43 2.24 3.23
N VAL B 246 -23.51 2.76 4.04
CA VAL B 246 -22.64 3.84 3.59
C VAL B 246 -21.65 3.29 2.57
N TYR B 247 -21.07 2.13 2.88
CA TYR B 247 -20.11 1.48 1.99
C TYR B 247 -20.75 1.12 0.65
N GLU B 248 -22.01 0.69 0.69
CA GLU B 248 -22.72 0.34 -0.54
C GLU B 248 -22.79 1.59 -1.41
N LEU B 249 -22.88 2.74 -0.75
CA LEU B 249 -22.97 4.01 -1.44
C LEU B 249 -21.61 4.34 -2.07
N MET B 250 -20.54 4.02 -1.34
CA MET B 250 -19.18 4.25 -1.83
C MET B 250 -18.95 3.45 -3.10
N ARG B 251 -19.32 2.17 -3.05
CA ARG B 251 -19.11 1.28 -4.18
C ARG B 251 -19.94 1.72 -5.38
N ALA B 252 -21.09 2.32 -5.11
CA ALA B 252 -21.98 2.79 -6.18
C ALA B 252 -21.35 4.00 -6.86
N CYS B 253 -20.72 4.85 -6.06
CA CYS B 253 -20.05 6.03 -6.59
C CYS B 253 -18.83 5.62 -7.40
N TRP B 254 -18.35 4.40 -7.15
CA TRP B 254 -17.18 3.92 -7.87
C TRP B 254 -17.46 2.98 -9.02
N GLN B 255 -18.63 3.12 -9.63
CA GLN B 255 -18.99 2.29 -10.77
C GLN B 255 -18.08 2.71 -11.91
N TRP B 256 -17.48 1.74 -12.60
CA TRP B 256 -16.57 2.03 -13.70
C TRP B 256 -17.17 2.98 -14.74
N ASN B 257 -18.42 2.73 -15.12
CA ASN B 257 -19.08 3.58 -16.11
C ASN B 257 -19.85 4.68 -15.37
N PRO B 258 -19.53 5.95 -15.67
CA PRO B 258 -20.19 7.12 -15.04
C PRO B 258 -21.72 7.10 -15.06
N SER B 259 -22.31 6.69 -16.17
CA SER B 259 -23.76 6.65 -16.25
C SER B 259 -24.34 5.65 -15.22
N ASP B 260 -23.54 4.67 -14.81
CA ASP B 260 -24.00 3.69 -13.84
C ASP B 260 -23.92 4.23 -12.40
N ARG B 261 -23.29 5.38 -12.25
CA ARG B 261 -23.16 6.01 -10.95
C ARG B 261 -24.42 6.80 -10.60
N PRO B 262 -24.81 6.79 -9.32
CA PRO B 262 -26.00 7.54 -8.90
C PRO B 262 -25.72 9.04 -8.94
N SER B 263 -26.80 9.81 -9.08
CA SER B 263 -26.70 11.25 -9.11
C SER B 263 -26.63 11.73 -7.66
N PHE B 264 -26.21 12.97 -7.47
CA PHE B 264 -26.12 13.51 -6.12
C PHE B 264 -27.48 13.67 -5.44
N ALA B 265 -28.52 13.92 -6.22
CA ALA B 265 -29.84 14.05 -5.63
C ALA B 265 -30.18 12.72 -4.96
N GLU B 266 -29.89 11.64 -5.68
CA GLU B 266 -30.13 10.29 -5.18
C GLU B 266 -29.25 10.02 -3.96
N ILE B 267 -28.00 10.47 -4.01
CA ILE B 267 -27.09 10.26 -2.89
C ILE B 267 -27.61 10.98 -1.66
N HIS B 268 -28.03 12.22 -1.85
CA HIS B 268 -28.54 13.02 -0.73
C HIS B 268 -29.75 12.34 -0.11
N GLN B 269 -30.63 11.86 -0.97
CA GLN B 269 -31.83 11.16 -0.55
C GLN B 269 -31.45 10.03 0.41
N ALA B 270 -30.55 9.15 -0.05
CA ALA B 270 -30.10 8.02 0.75
C ALA B 270 -29.53 8.43 2.11
N PHE B 271 -28.78 9.52 2.15
CA PHE B 271 -28.21 9.97 3.41
C PHE B 271 -29.26 10.52 4.35
N GLU B 272 -30.22 11.27 3.80
CA GLU B 272 -31.29 11.82 4.62
C GLU B 272 -31.94 10.67 5.36
N THR B 273 -32.29 9.63 4.62
CA THR B 273 -32.93 8.46 5.20
C THR B 273 -32.12 7.89 6.35
N MET B 274 -30.88 7.49 6.08
CA MET B 274 -30.02 6.94 7.11
C MET B 274 -30.03 7.84 8.34
N PHE B 275 -30.02 9.14 8.11
CA PHE B 275 -30.01 10.13 9.19
C PHE B 275 -31.44 10.33 9.70
#